data_5Y06
#
_entry.id   5Y06
#
_cell.length_a   76.600
_cell.length_b   76.600
_cell.length_c   84.811
_cell.angle_alpha   90.00
_cell.angle_beta   90.00
_cell.angle_gamma   120.00
#
_symmetry.space_group_name_H-M   'P 31 2 1'
#
loop_
_entity.id
_entity.type
_entity.pdbx_description
1 polymer msmeg_4306
2 non-polymer GLYCEROL
3 non-polymer 'ZINC ION'
4 water water
#
_entity_poly.entity_id   1
_entity_poly.type   'polypeptide(L)'
_entity_poly.pdbx_seq_one_letter_code
;MGSSHHHHHHSSENLYFQGHMKAEVSQQRSLLTLSEVDAELARIAHRGKNLAEQKRLDELTAQRGEVNDRLAALGIALED
LDAQVAKYESEIDSVRQREDRDRALLEGGSVGAKQVTEIQHELETLQRRQASLEEQLLEVMERREELMAERSEELRRVDE
LQTELTEAQQARDAALVELDQARHQCATRRDALVNAIDDQLVELYEKQRARGGAGAGPLQGRRCGACRIEIDRGEIARIT
AAADDDVVRCPECGAILLRVKQ
;
_entity_poly.pdbx_strand_id   A
#
# COMPACT_ATOMS: atom_id res chain seq x y z
N MET A 21 -29.87 6.98 -40.58
CA MET A 21 -30.02 6.01 -39.50
C MET A 21 -31.19 6.40 -38.59
N LYS A 22 -31.99 5.41 -38.20
CA LYS A 22 -33.15 5.63 -37.34
C LYS A 22 -33.22 4.53 -36.29
N ALA A 23 -33.90 4.84 -35.20
CA ALA A 23 -34.07 3.88 -34.11
C ALA A 23 -35.30 4.28 -33.29
N GLU A 24 -35.99 3.27 -32.78
CA GLU A 24 -37.20 3.52 -32.00
C GLU A 24 -36.89 4.33 -30.75
N VAL A 25 -37.84 5.18 -30.34
CA VAL A 25 -37.65 6.00 -29.15
C VAL A 25 -37.52 5.14 -27.91
N SER A 26 -38.21 3.99 -27.88
CA SER A 26 -38.07 3.08 -26.75
C SER A 26 -36.67 2.49 -26.70
N GLN A 27 -36.08 2.21 -27.86
CA GLN A 27 -34.71 1.73 -27.89
C GLN A 27 -33.74 2.81 -27.44
N GLN A 28 -33.98 4.06 -27.84
CA GLN A 28 -33.13 5.16 -27.40
C GLN A 28 -33.25 5.42 -25.90
N ARG A 29 -34.43 5.14 -25.34
CA ARG A 29 -34.59 5.31 -23.90
C ARG A 29 -33.76 4.30 -23.12
N SER A 30 -33.67 3.07 -23.62
CA SER A 30 -32.81 2.08 -22.98
C SER A 30 -31.34 2.35 -23.26
N LEU A 31 -31.03 2.94 -24.42
CA LEU A 31 -29.66 3.35 -24.69
C LEU A 31 -29.22 4.46 -23.74
N LEU A 32 -30.16 5.25 -23.22
CA LEU A 32 -29.82 6.24 -22.21
C LEU A 32 -29.47 5.56 -20.90
N THR A 33 -30.29 4.61 -20.45
CA THR A 33 -29.97 3.83 -19.25
C THR A 33 -28.69 3.05 -19.45
N LEU A 34 -28.42 2.62 -20.68
CA LEU A 34 -27.20 1.86 -20.96
C LEU A 34 -25.96 2.72 -20.74
N SER A 35 -26.01 3.98 -21.19
CA SER A 35 -24.88 4.88 -20.96
C SER A 35 -24.73 5.20 -19.47
N GLU A 36 -25.85 5.32 -18.75
CA GLU A 36 -25.77 5.55 -17.32
C GLU A 36 -25.15 4.36 -16.59
N VAL A 37 -25.55 3.14 -16.96
CA VAL A 37 -24.96 1.95 -16.37
C VAL A 37 -23.47 1.87 -16.70
N ASP A 38 -23.11 2.22 -17.94
CA ASP A 38 -21.71 2.23 -18.33
C ASP A 38 -20.93 3.28 -17.55
N ALA A 39 -21.55 4.45 -17.31
CA ALA A 39 -20.88 5.49 -16.54
C ALA A 39 -20.68 5.06 -15.09
N GLU A 40 -21.66 4.32 -14.53
CA GLU A 40 -21.51 3.81 -13.18
C GLU A 40 -20.40 2.76 -13.11
N LEU A 41 -20.32 1.89 -14.13
CA LEU A 41 -19.26 0.89 -14.17
C LEU A 41 -17.89 1.54 -14.23
N ALA A 42 -17.78 2.68 -14.92
CA ALA A 42 -16.50 3.37 -15.00
C ALA A 42 -16.06 3.90 -13.64
N ARG A 43 -16.98 4.53 -12.91
CA ARG A 43 -16.63 5.05 -11.59
C ARG A 43 -16.39 3.93 -10.58
N ILE A 44 -17.06 2.79 -10.76
CA ILE A 44 -16.76 1.62 -9.92
C ILE A 44 -15.32 1.18 -10.15
N ALA A 45 -14.89 1.14 -11.41
CA ALA A 45 -13.52 0.78 -11.71
C ALA A 45 -12.54 1.83 -11.20
N HIS A 46 -12.90 3.11 -11.31
CA HIS A 46 -12.03 4.18 -10.85
C HIS A 46 -11.81 4.11 -9.34
N ARG A 47 -12.89 3.89 -8.59
CA ARG A 47 -12.78 3.82 -7.13
C ARG A 47 -11.95 2.62 -6.69
N GLY A 48 -11.95 1.54 -7.49
CA GLY A 48 -11.11 0.40 -7.15
C GLY A 48 -9.64 0.75 -7.14
N LYS A 49 -9.21 1.61 -8.06
CA LYS A 49 -7.83 2.05 -8.11
C LYS A 49 -7.53 3.19 -7.15
N ASN A 50 -8.55 3.83 -6.59
CA ASN A 50 -8.40 4.94 -5.65
C ASN A 50 -9.16 4.66 -4.38
N LEU A 51 -8.96 3.47 -3.81
CA LEU A 51 -9.64 3.08 -2.58
C LEU A 51 -9.03 3.80 -1.40
N ALA A 52 -9.87 4.47 -0.61
CA ALA A 52 -9.40 5.07 0.63
C ALA A 52 -8.86 4.01 1.59
N GLU A 53 -9.41 2.80 1.54
CA GLU A 53 -8.92 1.72 2.39
C GLU A 53 -7.49 1.32 2.04
N GLN A 54 -7.12 1.41 0.76
CA GLN A 54 -5.76 1.07 0.39
C GLN A 54 -4.78 2.18 0.77
N LYS A 55 -5.20 3.44 0.66
CA LYS A 55 -4.36 4.55 1.10
C LYS A 55 -4.02 4.43 2.58
N ARG A 56 -4.99 3.99 3.39
CA ARG A 56 -4.72 3.75 4.81
C ARG A 56 -3.79 2.57 5.00
N LEU A 57 -3.97 1.51 4.19
CA LEU A 57 -3.07 0.37 4.27
C LEU A 57 -1.66 0.73 3.83
N ASP A 58 -1.54 1.64 2.86
CA ASP A 58 -0.21 2.06 2.39
C ASP A 58 0.57 2.76 3.49
N GLU A 59 -0.09 3.59 4.29
CA GLU A 59 0.61 4.32 5.34
C GLU A 59 1.02 3.41 6.47
N LEU A 60 0.12 2.53 6.91
CA LEU A 60 0.47 1.58 7.97
C LEU A 60 1.60 0.66 7.54
N THR A 61 1.62 0.26 6.27
CA THR A 61 2.70 -0.58 5.77
C THR A 61 4.02 0.17 5.77
N ALA A 62 4.00 1.44 5.36
CA ALA A 62 5.21 2.25 5.39
C ALA A 62 5.71 2.45 6.81
N GLN A 63 4.80 2.74 7.76
CA GLN A 63 5.19 2.95 9.14
C GLN A 63 5.76 1.67 9.76
N ARG A 64 5.11 0.53 9.50
CA ARG A 64 5.62 -0.73 10.02
C ARG A 64 7.01 -1.03 9.46
N GLY A 65 7.23 -0.71 8.19
CA GLY A 65 8.56 -0.87 7.61
C GLY A 65 9.58 0.05 8.25
N GLU A 66 9.15 1.24 8.67
CA GLU A 66 10.05 2.14 9.38
C GLU A 66 10.51 1.52 10.70
N VAL A 67 9.61 0.90 11.44
CA VAL A 67 10.01 0.25 12.69
C VAL A 67 10.81 -1.02 12.40
N ASN A 68 10.48 -1.72 11.30
CA ASN A 68 11.24 -2.91 10.93
C ASN A 68 12.69 -2.56 10.60
N ASP A 69 12.90 -1.42 9.94
CA ASP A 69 14.26 -1.02 9.58
C ASP A 69 15.06 -0.65 10.82
N ARG A 70 14.45 0.05 11.77
CA ARG A 70 15.14 0.39 13.01
C ARG A 70 15.41 -0.86 13.83
N LEU A 71 14.46 -1.81 13.84
CA LEU A 71 14.68 -3.07 14.55
C LEU A 71 15.85 -3.84 13.97
N ALA A 72 16.00 -3.81 12.65
CA ALA A 72 17.13 -4.49 12.01
C ALA A 72 18.45 -3.83 12.38
N ALA A 73 18.50 -2.50 12.32
CA ALA A 73 19.72 -1.79 12.70
C ALA A 73 20.03 -1.97 14.17
N LEU A 74 19.02 -2.07 15.02
CA LEU A 74 19.25 -2.37 16.44
C LEU A 74 19.82 -3.77 16.62
N GLY A 75 19.43 -4.71 15.76
CA GLY A 75 19.99 -6.05 15.86
C GLY A 75 21.47 -6.08 15.55
N ILE A 76 21.90 -5.30 14.56
CA ILE A 76 23.32 -5.23 14.23
C ILE A 76 24.12 -4.64 15.40
N ALA A 77 23.54 -3.64 16.07
CA ALA A 77 24.25 -3.01 17.19
C ALA A 77 24.40 -3.97 18.36
N LEU A 78 23.38 -4.79 18.63
CA LEU A 78 23.47 -5.74 19.73
C LEU A 78 24.40 -6.90 19.40
N GLU A 79 24.54 -7.24 18.12
CA GLU A 79 25.54 -8.23 17.73
C GLU A 79 26.95 -7.72 18.05
N ASP A 80 27.22 -6.46 17.69
CA ASP A 80 28.52 -5.87 17.98
C ASP A 80 28.80 -5.87 19.48
N LEU A 81 27.82 -5.47 20.29
CA LEU A 81 28.01 -5.45 21.74
C LEU A 81 28.10 -6.85 22.31
N ASP A 82 27.40 -7.82 21.71
CA ASP A 82 27.52 -9.20 22.17
C ASP A 82 28.91 -9.76 21.85
N ALA A 83 29.47 -9.39 20.70
CA ALA A 83 30.85 -9.78 20.39
C ALA A 83 31.83 -9.10 21.33
N GLN A 84 31.57 -7.85 21.69
CA GLN A 84 32.41 -7.17 22.67
C GLN A 84 32.32 -7.85 24.03
N VAL A 85 31.11 -8.26 24.43
CA VAL A 85 30.94 -8.96 25.70
C VAL A 85 31.68 -10.29 25.68
N ALA A 86 31.50 -11.06 24.60
CA ALA A 86 32.13 -12.37 24.50
C ALA A 86 33.65 -12.25 24.49
N LYS A 87 34.19 -11.29 23.73
CA LYS A 87 35.64 -11.09 23.70
C LYS A 87 36.15 -10.61 25.05
N TYR A 88 35.38 -9.77 25.74
CA TYR A 88 35.77 -9.35 27.08
C TYR A 88 35.76 -10.52 28.05
N GLU A 89 34.69 -11.32 28.04
CA GLU A 89 34.63 -12.47 28.93
C GLU A 89 35.38 -13.68 28.37
N SER A 90 36.15 -13.50 27.30
CA SER A 90 37.13 -14.49 26.90
C SER A 90 38.53 -14.15 27.37
N GLU A 91 38.78 -12.87 27.70
CA GLU A 91 40.08 -12.46 28.20
C GLU A 91 40.21 -12.72 29.69
N ILE A 92 39.17 -12.40 30.46
CA ILE A 92 39.22 -12.64 31.91
C ILE A 92 39.24 -14.13 32.19
N ASP A 93 38.72 -14.95 31.27
CA ASP A 93 38.77 -16.40 31.44
C ASP A 93 40.22 -16.89 31.36
N SER A 94 41.02 -16.30 30.48
CA SER A 94 42.44 -16.62 30.46
C SER A 94 43.15 -16.01 31.66
N VAL A 95 42.71 -14.84 32.11
CA VAL A 95 43.29 -14.24 33.31
C VAL A 95 42.91 -15.06 34.54
N ARG A 96 41.65 -15.50 34.62
CA ARG A 96 41.26 -16.41 35.69
C ARG A 96 41.97 -17.75 35.57
N GLN A 97 42.26 -18.19 34.34
CA GLN A 97 43.02 -19.41 34.15
C GLN A 97 44.50 -19.21 34.44
N ARG A 98 45.06 -18.06 34.05
CA ARG A 98 46.46 -17.79 34.36
C ARG A 98 46.70 -17.71 35.86
N GLU A 99 45.70 -17.25 36.62
CA GLU A 99 45.81 -17.30 38.08
C GLU A 99 45.65 -18.72 38.59
N ASP A 100 44.80 -19.52 37.94
CA ASP A 100 44.60 -20.90 38.38
C ASP A 100 45.80 -21.77 38.05
N ARG A 101 46.40 -21.56 36.88
CA ARG A 101 47.58 -22.34 36.50
C ARG A 101 48.76 -22.02 37.41
N ASP A 102 48.92 -20.76 37.81
CA ASP A 102 49.99 -20.34 38.69
C ASP A 102 49.62 -20.44 40.16
N ARG A 103 48.38 -20.83 40.48
CA ARG A 103 48.00 -21.00 41.88
C ARG A 103 48.76 -22.16 42.53
N ALA A 104 49.14 -23.15 41.74
CA ALA A 104 49.91 -24.29 42.24
C ALA A 104 51.31 -23.80 42.64
N LEU A 105 51.59 -23.81 43.95
CA LEU A 105 52.87 -23.35 44.45
C LEU A 105 53.50 -24.42 45.36
N VAL A 111 58.87 -24.78 42.72
CA VAL A 111 58.40 -24.55 44.07
C VAL A 111 59.49 -23.82 44.86
N GLY A 112 60.52 -23.37 44.16
CA GLY A 112 61.61 -22.64 44.78
C GLY A 112 61.13 -21.28 45.28
N ALA A 113 61.30 -21.01 46.57
CA ALA A 113 60.81 -19.77 47.17
C ALA A 113 61.58 -18.54 46.69
N LYS A 114 62.72 -18.71 46.04
CA LYS A 114 63.49 -17.57 45.56
C LYS A 114 62.75 -16.85 44.44
N GLN A 115 62.38 -17.58 43.39
CA GLN A 115 61.65 -17.01 42.27
C GLN A 115 60.15 -16.88 42.52
N VAL A 116 59.69 -17.23 43.73
CA VAL A 116 58.28 -17.08 44.06
C VAL A 116 57.88 -15.60 44.05
N THR A 117 58.81 -14.72 44.45
CA THR A 117 58.56 -13.28 44.38
C THR A 117 58.21 -12.86 42.97
N GLU A 118 58.87 -13.46 41.97
CA GLU A 118 58.52 -13.18 40.58
C GLU A 118 57.10 -13.64 40.27
N ILE A 119 56.72 -14.82 40.75
CA ILE A 119 55.36 -15.30 40.57
C ILE A 119 54.38 -14.51 41.43
N GLN A 120 54.86 -13.86 42.49
CA GLN A 120 54.00 -13.00 43.30
C GLN A 120 53.74 -11.66 42.61
N HIS A 121 54.75 -11.10 41.95
CA HIS A 121 54.55 -9.89 41.18
C HIS A 121 53.75 -10.14 39.91
N GLU A 122 53.72 -11.39 39.43
CA GLU A 122 52.87 -11.71 38.30
C GLU A 122 51.40 -11.64 38.68
N LEU A 123 51.06 -12.07 39.90
CA LEU A 123 49.67 -12.06 40.34
C LEU A 123 49.14 -10.65 40.54
N GLU A 124 50.01 -9.71 40.94
CA GLU A 124 49.56 -8.33 41.11
C GLU A 124 49.18 -7.70 39.78
N THR A 125 49.88 -8.07 38.69
CA THR A 125 49.53 -7.57 37.38
C THR A 125 48.29 -8.28 36.82
N LEU A 126 48.14 -9.57 37.12
CA LEU A 126 46.95 -10.29 36.68
C LEU A 126 45.70 -9.75 37.34
N GLN A 127 45.79 -9.31 38.60
CA GLN A 127 44.64 -8.71 39.26
C GLN A 127 44.29 -7.35 38.67
N ARG A 128 45.31 -6.59 38.23
CA ARG A 128 45.04 -5.30 37.61
C ARG A 128 44.45 -5.45 36.21
N ARG A 129 44.84 -6.51 35.50
CA ARG A 129 44.25 -6.75 34.18
C ARG A 129 42.78 -7.13 34.30
N GLN A 130 42.43 -7.93 35.30
CA GLN A 130 41.03 -8.29 35.52
C GLN A 130 40.22 -7.08 35.97
N ALA A 131 40.82 -6.22 36.80
CA ALA A 131 40.11 -5.04 37.28
C ALA A 131 39.87 -4.04 36.16
N SER A 132 40.88 -3.82 35.32
CA SER A 132 40.71 -2.90 34.19
C SER A 132 39.71 -3.45 33.18
N LEU A 133 39.69 -4.78 32.98
CA LEU A 133 38.72 -5.37 32.08
C LEU A 133 37.31 -5.31 32.64
N GLU A 134 37.18 -5.26 33.97
CA GLU A 134 35.86 -5.12 34.56
C GLU A 134 35.22 -3.78 34.20
N GLU A 135 36.02 -2.71 34.20
CA GLU A 135 35.52 -1.41 33.80
C GLU A 135 35.07 -1.41 32.34
N GLN A 136 35.73 -2.21 31.49
CA GLN A 136 35.39 -2.25 30.08
C GLN A 136 34.14 -3.09 29.82
N LEU A 137 33.97 -4.19 30.55
CA LEU A 137 32.77 -5.01 30.36
C LEU A 137 31.52 -4.28 30.86
N LEU A 138 31.63 -3.58 31.99
CA LEU A 138 30.47 -2.87 32.53
C LEU A 138 29.96 -1.82 31.57
N GLU A 139 30.86 -1.05 30.96
CA GLU A 139 30.44 -0.02 30.01
C GLU A 139 29.74 -0.62 28.80
N VAL A 140 30.13 -1.84 28.40
CA VAL A 140 29.43 -2.51 27.31
C VAL A 140 28.18 -3.22 27.79
N MET A 141 28.19 -3.71 29.03
CA MET A 141 27.03 -4.44 29.56
C MET A 141 25.82 -3.53 29.70
N GLU A 142 26.01 -2.36 30.30
CA GLU A 142 24.89 -1.43 30.48
C GLU A 142 24.48 -0.79 29.16
N ARG A 143 25.42 -0.58 28.24
CA ARG A 143 25.08 -0.04 26.94
C ARG A 143 24.24 -1.04 26.15
N ARG A 144 24.57 -2.33 26.26
CA ARG A 144 23.71 -3.36 25.68
C ARG A 144 22.38 -3.44 26.41
N GLU A 145 22.38 -3.19 27.72
CA GLU A 145 21.13 -3.16 28.48
C GLU A 145 20.23 -2.03 28.01
N GLU A 146 20.83 -0.89 27.63
CA GLU A 146 20.04 0.22 27.14
C GLU A 146 19.44 -0.07 25.76
N LEU A 147 20.23 -0.67 24.87
CA LEU A 147 19.75 -0.93 23.52
C LEU A 147 18.63 -1.96 23.51
N MET A 148 18.73 -2.99 24.35
CA MET A 148 17.67 -3.99 24.42
C MET A 148 16.39 -3.39 25.02
N ALA A 149 16.52 -2.41 25.91
CA ALA A 149 15.35 -1.68 26.36
C ALA A 149 14.71 -0.91 25.21
N GLU A 150 15.52 -0.21 24.42
CA GLU A 150 15.00 0.46 23.23
C GLU A 150 14.43 -0.53 22.23
N ARG A 151 15.01 -1.72 22.14
CA ARG A 151 14.51 -2.73 21.22
C ARG A 151 13.13 -3.23 21.64
N SER A 152 12.89 -3.32 22.96
CA SER A 152 11.59 -3.79 23.44
C SER A 152 10.49 -2.78 23.15
N GLU A 153 10.79 -1.49 23.28
CA GLU A 153 9.78 -0.47 22.99
C GLU A 153 9.46 -0.41 21.50
N GLU A 154 10.43 -0.74 20.64
CA GLU A 154 10.14 -0.80 19.21
C GLU A 154 9.36 -2.06 18.85
N LEU A 155 9.54 -3.14 19.60
CA LEU A 155 8.79 -4.36 19.34
C LEU A 155 7.31 -4.16 19.63
N ARG A 156 7.00 -3.54 20.77
CA ARG A 156 5.59 -3.24 21.07
C ARG A 156 5.04 -2.21 20.09
N ARG A 157 5.86 -1.25 19.69
CA ARG A 157 5.43 -0.27 18.69
C ARG A 157 5.05 -0.95 17.38
N VAL A 158 5.92 -1.84 16.87
CA VAL A 158 5.67 -2.47 15.59
C VAL A 158 4.57 -3.51 15.69
N ASP A 159 4.43 -4.18 16.84
CA ASP A 159 3.35 -5.14 17.01
C ASP A 159 2.00 -4.44 17.00
N GLU A 160 1.92 -3.26 17.62
CA GLU A 160 0.70 -2.46 17.57
C GLU A 160 0.33 -2.14 16.13
N LEU A 161 1.31 -1.72 15.33
CA LEU A 161 1.06 -1.39 13.93
C LEU A 161 0.64 -2.63 13.14
N GLN A 162 1.18 -3.80 13.50
CA GLN A 162 0.85 -5.02 12.77
C GLN A 162 -0.63 -5.38 12.94
N THR A 163 -1.16 -5.25 14.15
CA THR A 163 -2.58 -5.52 14.36
C THR A 163 -3.44 -4.52 13.60
N GLU A 164 -3.04 -3.26 13.58
CA GLU A 164 -3.74 -2.26 12.78
C GLU A 164 -3.62 -2.55 11.29
N LEU A 165 -2.44 -3.02 10.87
CA LEU A 165 -2.20 -3.27 9.44
C LEU A 165 -3.11 -4.38 8.91
N THR A 166 -3.28 -5.46 9.69
CA THR A 166 -4.17 -6.52 9.25
C THR A 166 -5.63 -6.08 9.27
N GLU A 167 -6.01 -5.22 10.21
CA GLU A 167 -7.36 -4.66 10.20
C GLU A 167 -7.60 -3.84 8.94
N ALA A 168 -6.63 -2.99 8.58
CA ALA A 168 -6.75 -2.22 7.34
C ALA A 168 -6.76 -3.14 6.13
N GLN A 169 -5.96 -4.22 6.16
CA GLN A 169 -5.95 -5.17 5.06
C GLN A 169 -7.27 -5.91 4.96
N GLN A 170 -7.87 -6.27 6.11
CA GLN A 170 -9.20 -6.86 6.08
C GLN A 170 -10.23 -5.87 5.57
N ALA A 171 -10.12 -4.60 5.98
CA ALA A 171 -11.04 -3.58 5.48
C ALA A 171 -10.83 -3.33 3.98
N ARG A 172 -9.58 -3.40 3.52
CA ARG A 172 -9.31 -3.21 2.10
C ARG A 172 -9.94 -4.33 1.27
N ASP A 173 -9.73 -5.58 1.69
CA ASP A 173 -10.28 -6.71 0.94
C ASP A 173 -11.81 -6.66 0.94
N ALA A 174 -12.41 -6.27 2.07
CA ALA A 174 -13.85 -6.17 2.14
C ALA A 174 -14.38 -5.10 1.18
N ALA A 175 -13.65 -3.99 1.06
CA ALA A 175 -14.05 -2.94 0.12
C ALA A 175 -13.97 -3.42 -1.32
N LEU A 176 -12.99 -4.28 -1.63
CA LEU A 176 -12.90 -4.85 -2.97
C LEU A 176 -14.05 -5.81 -3.25
N VAL A 177 -14.56 -6.49 -2.22
CA VAL A 177 -15.70 -7.39 -2.40
C VAL A 177 -16.96 -6.60 -2.71
N GLU A 178 -17.14 -5.45 -2.05
CA GLU A 178 -18.33 -4.65 -2.29
C GLU A 178 -18.29 -4.03 -3.69
N LEU A 179 -17.12 -3.57 -4.13
CA LEU A 179 -17.01 -3.02 -5.48
C LEU A 179 -17.23 -4.09 -6.53
N ASP A 180 -16.70 -5.30 -6.29
CA ASP A 180 -16.93 -6.39 -7.23
C ASP A 180 -18.38 -6.84 -7.23
N GLN A 181 -19.03 -6.81 -6.06
CA GLN A 181 -20.45 -7.12 -5.99
C GLN A 181 -21.26 -6.06 -6.73
N ALA A 182 -20.95 -4.79 -6.52
CA ALA A 182 -21.65 -3.72 -7.21
C ALA A 182 -21.40 -3.79 -8.72
N ARG A 183 -20.16 -4.11 -9.12
CA ARG A 183 -19.87 -4.26 -10.53
C ARG A 183 -20.62 -5.43 -11.14
N HIS A 184 -20.75 -6.52 -10.39
CA HIS A 184 -21.51 -7.68 -10.88
C HIS A 184 -22.97 -7.33 -11.09
N GLN A 185 -23.52 -6.45 -10.26
CA GLN A 185 -24.88 -5.97 -10.48
C GLN A 185 -24.99 -5.25 -11.82
N CYS A 186 -24.21 -4.18 -11.99
CA CYS A 186 -24.31 -3.37 -13.21
C CYS A 186 -24.02 -4.17 -14.46
N ALA A 187 -23.13 -5.16 -14.37
CA ALA A 187 -22.86 -6.02 -15.53
C ALA A 187 -24.08 -6.82 -15.94
N THR A 188 -24.90 -7.24 -14.97
CA THR A 188 -26.13 -7.96 -15.29
C THR A 188 -27.17 -7.03 -15.89
N ARG A 189 -27.36 -5.85 -15.29
CA ARG A 189 -28.28 -4.87 -15.86
C ARG A 189 -27.84 -4.44 -17.25
N ARG A 190 -26.52 -4.36 -17.48
CA ARG A 190 -26.04 -3.97 -18.80
C ARG A 190 -26.31 -5.06 -19.83
N ASP A 191 -26.09 -6.32 -19.45
CA ASP A 191 -26.36 -7.43 -20.38
C ASP A 191 -27.83 -7.43 -20.80
N ALA A 192 -28.74 -7.18 -19.86
CA ALA A 192 -30.16 -7.13 -20.20
C ALA A 192 -30.46 -5.96 -21.13
N LEU A 193 -29.79 -4.83 -20.91
CA LEU A 193 -30.03 -3.66 -21.75
C LEU A 193 -29.63 -3.92 -23.20
N VAL A 194 -28.44 -4.48 -23.41
CA VAL A 194 -27.94 -4.71 -24.77
C VAL A 194 -28.89 -5.63 -25.55
N ASN A 195 -29.44 -6.64 -24.88
CA ASN A 195 -30.38 -7.55 -25.54
C ASN A 195 -31.69 -6.87 -25.90
N ALA A 196 -31.97 -5.69 -25.34
CA ALA A 196 -33.21 -4.98 -25.60
C ALA A 196 -33.07 -3.91 -26.67
N ILE A 197 -31.84 -3.59 -27.11
CA ILE A 197 -31.61 -2.61 -28.15
C ILE A 197 -31.09 -3.34 -29.38
N ASP A 198 -31.49 -2.86 -30.56
CA ASP A 198 -31.04 -3.46 -31.81
C ASP A 198 -29.52 -3.40 -31.91
N ASP A 199 -28.93 -4.48 -32.44
CA ASP A 199 -27.47 -4.57 -32.51
C ASP A 199 -26.87 -3.46 -33.34
N GLN A 200 -27.60 -2.96 -34.35
CA GLN A 200 -27.10 -1.87 -35.17
C GLN A 200 -26.84 -0.62 -34.33
N LEU A 201 -27.74 -0.32 -33.38
CA LEU A 201 -27.56 0.84 -32.53
C LEU A 201 -26.50 0.59 -31.47
N VAL A 202 -26.45 -0.62 -30.91
CA VAL A 202 -25.40 -0.96 -29.95
C VAL A 202 -24.03 -0.93 -30.61
N GLU A 203 -23.96 -1.27 -31.90
CA GLU A 203 -22.69 -1.25 -32.60
C GLU A 203 -22.15 0.17 -32.72
N LEU A 204 -22.99 1.11 -33.16
CA LEU A 204 -22.55 2.50 -33.29
C LEU A 204 -22.18 3.08 -31.93
N TYR A 205 -22.89 2.68 -30.88
CA TYR A 205 -22.58 3.16 -29.54
C TYR A 205 -21.18 2.73 -29.11
N GLU A 206 -20.89 1.44 -29.21
CA GLU A 206 -19.59 0.94 -28.79
C GLU A 206 -18.48 1.38 -29.75
N LYS A 207 -18.82 1.63 -31.02
CA LYS A 207 -17.85 2.21 -31.93
C LYS A 207 -17.48 3.63 -31.51
N GLN A 208 -18.39 4.33 -30.85
CA GLN A 208 -18.11 5.69 -30.37
C GLN A 208 -17.37 5.67 -29.04
N ARG A 209 -17.58 4.64 -28.22
CA ARG A 209 -16.78 4.50 -27.00
C ARG A 209 -15.32 4.20 -27.33
N ALA A 210 -15.07 3.52 -28.45
CA ALA A 210 -13.70 3.26 -28.88
C ALA A 210 -12.95 4.56 -29.17
N ARG A 211 -13.68 5.63 -29.52
CA ARG A 211 -13.06 6.93 -29.72
C ARG A 211 -12.56 7.55 -28.43
N GLY A 212 -12.95 7.02 -27.28
CA GLY A 212 -12.53 7.53 -25.99
C GLY A 212 -13.61 8.24 -25.20
N GLY A 213 -14.75 8.56 -25.83
CA GLY A 213 -15.81 9.27 -25.17
C GLY A 213 -16.92 8.36 -24.68
N ALA A 214 -18.00 9.00 -24.22
CA ALA A 214 -19.10 8.28 -23.59
C ALA A 214 -19.90 7.44 -24.58
N GLY A 215 -19.81 7.73 -25.88
CA GLY A 215 -20.55 6.98 -26.88
C GLY A 215 -21.97 7.49 -27.07
N ALA A 216 -22.59 7.97 -26.00
CA ALA A 216 -23.93 8.53 -26.07
C ALA A 216 -24.17 9.36 -24.83
N GLY A 217 -24.86 10.49 -25.00
CA GLY A 217 -25.16 11.38 -23.91
C GLY A 217 -26.44 12.14 -24.14
N PRO A 218 -27.05 12.63 -23.06
CA PRO A 218 -28.30 13.40 -23.19
C PRO A 218 -28.02 14.82 -23.65
N LEU A 219 -28.91 15.34 -24.49
CA LEU A 219 -28.86 16.74 -24.89
C LEU A 219 -29.39 17.58 -23.74
N GLN A 220 -28.48 18.19 -22.99
CA GLN A 220 -28.84 18.97 -21.80
C GLN A 220 -29.05 20.42 -22.23
N GLY A 221 -30.26 20.70 -22.70
CA GLY A 221 -30.59 22.00 -23.23
C GLY A 221 -29.90 22.25 -24.56
N ARG A 222 -28.72 22.86 -24.52
CA ARG A 222 -27.93 23.13 -25.70
C ARG A 222 -26.59 22.42 -25.72
N ARG A 223 -26.12 21.92 -24.57
CA ARG A 223 -24.80 21.32 -24.45
C ARG A 223 -24.90 19.80 -24.45
N CYS A 224 -23.97 19.15 -25.17
CA CYS A 224 -23.96 17.70 -25.24
C CYS A 224 -23.60 17.10 -23.88
N GLY A 225 -24.24 15.98 -23.55
CA GLY A 225 -23.99 15.33 -22.28
C GLY A 225 -22.73 14.49 -22.21
N ALA A 226 -22.03 14.32 -23.34
CA ALA A 226 -20.82 13.52 -23.37
C ALA A 226 -19.58 14.40 -23.24
N CYS A 227 -19.25 15.15 -24.28
CA CYS A 227 -18.08 16.02 -24.28
C CYS A 227 -18.34 17.39 -23.66
N ARG A 228 -19.60 17.70 -23.32
CA ARG A 228 -19.95 18.90 -22.58
C ARG A 228 -19.52 20.17 -23.30
N ILE A 229 -19.70 20.20 -24.61
CA ILE A 229 -19.41 21.39 -25.42
C ILE A 229 -20.70 22.17 -25.63
N GLU A 230 -20.57 23.49 -25.69
CA GLU A 230 -21.70 24.35 -26.01
C GLU A 230 -21.88 24.35 -27.52
N ILE A 231 -22.81 23.52 -28.00
CA ILE A 231 -23.04 23.41 -29.44
C ILE A 231 -23.49 24.75 -29.99
N ASP A 232 -23.03 25.07 -31.20
CA ASP A 232 -23.38 26.33 -31.83
C ASP A 232 -24.88 26.38 -32.14
N ARG A 233 -25.38 27.60 -32.34
CA ARG A 233 -26.80 27.82 -32.59
C ARG A 233 -27.23 27.38 -33.99
N GLY A 234 -26.32 26.92 -34.83
CA GLY A 234 -26.69 26.45 -36.16
C GLY A 234 -27.01 24.98 -36.17
N GLU A 235 -26.43 24.22 -35.25
CA GLU A 235 -26.64 22.78 -35.20
C GLU A 235 -27.87 22.40 -34.40
N ILE A 236 -28.21 23.16 -33.35
CA ILE A 236 -29.38 22.83 -32.55
C ILE A 236 -30.68 23.02 -33.31
N ALA A 237 -30.66 23.87 -34.35
CA ALA A 237 -31.85 24.02 -35.19
C ALA A 237 -32.12 22.76 -35.98
N ARG A 238 -31.07 22.13 -36.54
CA ARG A 238 -31.25 20.87 -37.24
C ARG A 238 -31.47 19.71 -36.28
N ILE A 239 -30.94 19.81 -35.06
CA ILE A 239 -31.14 18.76 -34.06
C ILE A 239 -32.58 18.78 -33.55
N THR A 240 -33.09 19.97 -33.22
CA THR A 240 -34.46 20.07 -32.74
C THR A 240 -35.46 19.77 -33.86
N ALA A 241 -35.07 19.97 -35.11
CA ALA A 241 -35.95 19.68 -36.23
C ALA A 241 -35.95 18.22 -36.63
N ALA A 242 -34.96 17.44 -36.17
CA ALA A 242 -34.88 16.03 -36.51
C ALA A 242 -36.06 15.27 -35.90
N ALA A 243 -36.49 14.22 -36.61
CA ALA A 243 -37.61 13.42 -36.16
C ALA A 243 -37.31 12.76 -34.82
N ASP A 244 -38.37 12.41 -34.09
CA ASP A 244 -38.22 11.79 -32.78
C ASP A 244 -37.54 10.43 -32.88
N ASP A 245 -37.79 9.70 -33.96
CA ASP A 245 -37.20 8.38 -34.16
C ASP A 245 -35.85 8.43 -34.85
N ASP A 246 -35.34 9.61 -35.17
CA ASP A 246 -34.02 9.72 -35.78
C ASP A 246 -32.94 9.70 -34.71
N VAL A 247 -31.75 9.26 -35.11
CA VAL A 247 -30.57 9.29 -34.25
C VAL A 247 -29.71 10.48 -34.66
N VAL A 248 -29.16 11.18 -33.67
CA VAL A 248 -28.36 12.37 -33.90
C VAL A 248 -27.04 12.22 -33.18
N ARG A 249 -25.96 12.67 -33.83
CA ARG A 249 -24.62 12.66 -33.26
C ARG A 249 -24.18 14.09 -33.00
N CYS A 250 -23.57 14.31 -31.84
CA CYS A 250 -23.03 15.63 -31.52
C CYS A 250 -21.89 15.96 -32.47
N PRO A 251 -21.87 17.17 -33.05
CA PRO A 251 -20.82 17.48 -34.04
C PRO A 251 -19.41 17.40 -33.47
N GLU A 252 -19.21 17.89 -32.24
CA GLU A 252 -17.86 17.97 -31.68
C GLU A 252 -17.30 16.58 -31.37
N CYS A 253 -18.06 15.78 -30.61
CA CYS A 253 -17.56 14.49 -30.15
C CYS A 253 -18.05 13.32 -30.97
N GLY A 254 -19.24 13.42 -31.57
CA GLY A 254 -19.79 12.32 -32.34
C GLY A 254 -20.64 11.36 -31.56
N ALA A 255 -20.85 11.59 -30.26
CA ALA A 255 -21.66 10.69 -29.45
C ALA A 255 -23.13 10.79 -29.85
N ILE A 256 -23.87 9.72 -29.52
CA ILE A 256 -25.30 9.69 -29.82
C ILE A 256 -26.03 10.60 -28.84
N LEU A 257 -26.64 11.67 -29.36
CA LEU A 257 -27.39 12.60 -28.53
C LEU A 257 -28.83 12.11 -28.39
N LEU A 258 -29.24 11.87 -27.15
CA LEU A 258 -30.57 11.35 -26.85
C LEU A 258 -31.43 12.49 -26.30
N ARG A 259 -32.44 12.89 -27.07
CA ARG A 259 -33.33 13.97 -26.64
C ARG A 259 -34.37 13.50 -25.64
N VAL A 260 -34.70 12.21 -25.63
CA VAL A 260 -35.72 11.68 -24.74
C VAL A 260 -35.25 11.73 -23.28
#